data_8BH8
#
_entry.id   8BH8
#
_cell.length_a   36.300
_cell.length_b   79.069
_cell.length_c   108.431
_cell.angle_alpha   90.000
_cell.angle_beta   96.246
_cell.angle_gamma   90.000
#
_symmetry.space_group_name_H-M   'P 1 21 1'
#
loop_
_entity.id
_entity.type
_entity.pdbx_description
1 polymer 'PCIF1_WW domain-containing protein'
2 polymer "RNA (5'-R(P*AP*CP*AP*CP*AP*AP*GP*G)-3')"
3 water water
#
loop_
_entity_poly.entity_id
_entity_poly.type
_entity_poly.pdbx_seq_one_letter_code
_entity_poly.pdbx_strand_id
1 'polypeptide(L)'
;MDAIRTYSTQLEEILSRKFSDHSLLLGFNASVQAKIYTWIVNDLDQYSKHPEMEFDAIGVFDKLWTDFHYPIIKFFQQQH
AVVFEEQNRELKKCQKEGRPGEFKVRPVEMRKINDNFMKYIKEIYQFYGKLLKYFTTKYKNPNIPDKFLEEFRFTVSGNA
IECQDDNFLGHVIHLSHKCCLCLGDMLRNQAFIDTNYVVPCLSNKEFFKFKSSPNKRNHMGSYVKAIQYYNLCIMLIPAL
SEPYNQIGVIYNSVDDKFNAIYWFLRSHFSRLSEHQLGFANMSAILKKHWFTTALVDIVNGNSERRFSNANVMNVFLVCL
LGYIYCPERYKNGPNIVKKIPFSKIETDLFKMISSDFDEQVVLKHLVVMFGIVRLTREDEQRDKLLRFAFRYVEKVLVYL
KTGDGLMVLRFILNLLRENAPWLQVFTSRRNCVVYLTAVLKRFASDSTTRPTRMFFFEEDVNFRDCSLIKYQFKDFNDEA
LFSPYIANMVVGDYSKCDLQDAVDEYVERKRTDAVVVLGKKILSGVQEKKAD
;
A
2 'polyribonucleotide' GCUUUACACAAGG B,C
#
loop_
_chem_comp.id
_chem_comp.type
_chem_comp.name
_chem_comp.formula
A RNA linking ADENOSINE-5'-MONOPHOSPHATE 'C10 H14 N5 O7 P'
C RNA linking CYTIDINE-5'-MONOPHOSPHATE 'C9 H14 N3 O8 P'
G RNA linking GUANOSINE-5'-MONOPHOSPHATE 'C10 H14 N5 O8 P'
U RNA linking URIDINE-5'-MONOPHOSPHATE 'C9 H13 N2 O9 P'
#
# COMPACT_ATOMS: atom_id res chain seq x y z
N ALA A 3 19.95 -9.57 25.65
CA ALA A 3 20.85 -9.90 24.55
C ALA A 3 20.80 -8.83 23.46
N ILE A 4 19.60 -8.51 23.00
CA ILE A 4 19.43 -7.47 21.98
C ILE A 4 19.89 -6.12 22.50
N ARG A 5 19.54 -5.81 23.75
CA ARG A 5 19.96 -4.54 24.37
C ARG A 5 21.47 -4.40 24.40
N THR A 6 22.18 -5.46 24.80
CA THR A 6 23.65 -5.41 24.84
C THR A 6 24.22 -5.05 23.47
N TYR A 7 23.73 -5.72 22.43
CA TYR A 7 24.22 -5.44 21.08
C TYR A 7 23.84 -4.03 20.63
N SER A 8 22.65 -3.58 21.02
CA SER A 8 22.23 -2.23 20.68
C SER A 8 23.14 -1.19 21.32
N THR A 9 23.47 -1.37 22.60
CA THR A 9 24.39 -0.46 23.27
C THR A 9 25.77 -0.46 22.61
N GLN A 10 26.28 -1.65 22.27
CA GLN A 10 27.56 -1.71 21.58
C GLN A 10 27.49 -1.03 20.22
N LEU A 11 26.36 -1.17 19.53
CA LEU A 11 26.16 -0.54 18.25
C LEU A 11 26.14 0.97 18.37
N GLU A 12 25.40 1.49 19.34
CA GLU A 12 25.35 2.92 19.58
C GLU A 12 26.73 3.49 19.89
N GLU A 13 27.53 2.76 20.69
CA GLU A 13 28.90 3.21 20.93
C GLU A 13 29.70 3.23 19.63
N ILE A 14 29.46 2.25 18.75
CA ILE A 14 30.22 2.21 17.49
C ILE A 14 29.82 3.38 16.59
N LEU A 15 28.52 3.61 16.42
CA LEU A 15 28.02 4.61 15.50
C LEU A 15 28.29 6.03 15.98
N SER A 16 28.45 6.23 17.29
CA SER A 16 28.75 7.54 17.85
C SER A 16 30.22 7.92 17.70
N ARG A 17 31.07 7.01 17.24
CA ARG A 17 32.47 7.35 17.00
C ARG A 17 32.57 8.38 15.88
N LYS A 18 33.44 9.38 16.09
CA LYS A 18 33.61 10.41 15.08
C LYS A 18 34.08 9.83 13.74
N PHE A 19 34.93 8.81 13.78
CA PHE A 19 35.50 8.20 12.59
C PHE A 19 35.00 6.76 12.44
N SER A 20 34.27 6.51 11.36
CA SER A 20 33.65 5.21 11.12
C SER A 20 34.67 4.19 10.63
N ASP A 21 34.88 3.13 11.42
CA ASP A 21 35.62 1.94 10.97
C ASP A 21 34.61 0.99 10.35
N HIS A 22 34.50 1.02 9.01
CA HIS A 22 33.46 0.24 8.34
C HIS A 22 33.62 -1.26 8.59
N SER A 23 34.85 -1.75 8.71
CA SER A 23 35.07 -3.19 8.83
C SER A 23 34.58 -3.69 10.19
N LEU A 24 34.83 -2.91 11.23
CA LEU A 24 34.36 -3.26 12.57
C LEU A 24 32.84 -3.37 12.59
N LEU A 25 32.15 -2.42 11.97
CA LEU A 25 30.69 -2.45 11.93
C LEU A 25 30.18 -3.68 11.19
N LEU A 26 30.77 -3.97 10.02
CA LEU A 26 30.31 -5.13 9.24
C LEU A 26 30.56 -6.44 9.97
N GLY A 27 31.74 -6.62 10.57
CA GLY A 27 32.00 -7.84 11.32
C GLY A 27 31.08 -7.99 12.53
N PHE A 28 30.81 -6.88 13.22
CA PHE A 28 29.90 -6.92 14.36
C PHE A 28 28.50 -7.34 13.93
N ASN A 29 27.98 -6.73 12.87
CA ASN A 29 26.70 -7.13 12.33
C ASN A 29 26.67 -8.60 11.96
N ALA A 30 27.72 -9.07 11.26
CA ALA A 30 27.73 -10.47 10.86
C ALA A 30 27.70 -11.41 12.08
N SER A 31 28.41 -11.07 13.15
CA SER A 31 28.39 -11.91 14.35
C SER A 31 27.03 -11.91 15.01
N VAL A 32 26.40 -10.73 15.08
CA VAL A 32 25.08 -10.63 15.69
C VAL A 32 24.07 -11.44 14.89
N GLN A 33 24.11 -11.30 13.56
CA GLN A 33 23.24 -12.08 12.68
C GLN A 33 23.43 -13.58 12.89
N ALA A 34 24.68 -14.06 12.91
CA ALA A 34 24.91 -15.49 13.08
C ALA A 34 24.31 -16.00 14.38
N LYS A 35 24.48 -15.21 15.44
CA LYS A 35 23.99 -15.59 16.75
C LYS A 35 22.46 -15.59 16.80
N ILE A 36 21.83 -14.57 16.21
CA ILE A 36 20.38 -14.50 16.15
C ILE A 36 19.81 -15.63 15.30
N TYR A 37 20.49 -15.99 14.21
CA TYR A 37 20.02 -17.11 13.38
C TYR A 37 19.94 -18.40 14.18
N THR A 38 21.04 -18.73 14.87
CA THR A 38 21.02 -19.98 15.63
C THR A 38 19.99 -19.90 16.76
N TRP A 39 19.86 -18.73 17.37
CA TRP A 39 18.85 -18.54 18.41
C TRP A 39 17.44 -18.75 17.87
N ILE A 40 17.13 -18.16 16.70
CA ILE A 40 15.79 -18.28 16.10
C ILE A 40 15.44 -19.73 15.84
N VAL A 41 16.39 -20.49 15.27
CA VAL A 41 16.06 -21.87 14.92
C VAL A 41 15.83 -22.70 16.18
N ASN A 42 16.66 -22.51 17.22
CA ASN A 42 16.41 -23.25 18.46
C ASN A 42 15.09 -22.83 19.10
N ASP A 43 14.80 -21.54 19.10
CA ASP A 43 13.57 -21.05 19.74
C ASP A 43 12.34 -21.65 19.09
N LEU A 44 12.32 -21.68 17.75
CA LEU A 44 11.24 -22.37 17.06
C LEU A 44 11.21 -23.85 17.43
N ASP A 45 12.38 -24.50 17.45
CA ASP A 45 12.41 -25.93 17.71
C ASP A 45 12.03 -26.24 19.16
N GLN A 46 12.42 -25.38 20.11
CA GLN A 46 12.08 -25.57 21.52
C GLN A 46 10.71 -25.02 21.89
N TYR A 47 9.89 -24.63 20.90
CA TYR A 47 8.65 -23.92 21.18
C TYR A 47 7.72 -24.75 22.07
N SER A 48 7.71 -26.06 21.89
CA SER A 48 6.91 -27.00 22.67
C SER A 48 7.33 -27.13 24.13
N LYS A 49 8.52 -26.64 24.51
CA LYS A 49 9.12 -27.00 25.79
C LYS A 49 9.03 -25.89 26.83
N HIS A 50 8.86 -24.65 26.40
CA HIS A 50 8.92 -23.50 27.27
C HIS A 50 7.66 -22.68 27.04
N PRO A 51 6.91 -22.35 28.10
CA PRO A 51 5.53 -21.84 27.96
C PRO A 51 5.32 -20.82 26.85
N GLU A 52 4.18 -20.92 26.17
CA GLU A 52 3.97 -20.24 24.90
C GLU A 52 3.97 -18.72 25.04
N MET A 53 3.80 -18.20 26.25
CA MET A 53 3.94 -16.76 26.45
C MET A 53 5.41 -16.36 26.50
N GLU A 54 6.28 -17.26 26.93
CA GLU A 54 7.73 -17.05 26.92
C GLU A 54 8.32 -17.01 25.52
N PHE A 55 7.50 -17.15 24.47
CA PHE A 55 8.00 -17.24 23.10
C PHE A 55 8.31 -15.83 22.59
N ASP A 56 9.60 -15.49 22.52
CA ASP A 56 10.09 -14.14 22.31
C ASP A 56 10.34 -13.79 20.85
N ALA A 57 10.38 -14.77 19.94
CA ALA A 57 10.98 -14.55 18.63
C ALA A 57 10.35 -13.36 17.90
N ILE A 58 9.05 -13.16 18.07
CA ILE A 58 8.40 -11.99 17.45
C ILE A 58 8.97 -10.70 18.01
N GLY A 59 9.03 -10.59 19.35
CA GLY A 59 9.51 -9.37 19.96
C GLY A 59 10.99 -9.12 19.72
N VAL A 60 11.81 -10.17 19.76
CA VAL A 60 13.22 -10.02 19.40
C VAL A 60 13.37 -9.56 17.96
N PHE A 61 12.55 -10.08 17.06
CA PHE A 61 12.67 -9.68 15.66
C PHE A 61 12.38 -8.19 15.49
N ASP A 62 11.28 -7.72 16.10
CA ASP A 62 11.00 -6.29 16.05
C ASP A 62 12.13 -5.47 16.69
N LYS A 63 12.68 -5.95 17.81
CA LYS A 63 13.80 -5.25 18.45
C LYS A 63 15.06 -5.27 17.61
N LEU A 64 15.36 -6.41 16.98
CA LEU A 64 16.49 -6.51 16.06
C LEU A 64 16.37 -5.48 14.96
N TRP A 65 15.19 -5.35 14.35
CA TRP A 65 15.05 -4.36 13.29
C TRP A 65 15.16 -2.95 13.85
N THR A 66 14.38 -2.63 14.88
CA THR A 66 14.22 -1.24 15.31
C THR A 66 15.47 -0.71 16.00
N ASP A 67 16.11 -1.52 16.85
CA ASP A 67 17.27 -1.04 17.59
C ASP A 67 18.61 -1.32 16.92
N PHE A 68 18.71 -2.31 16.03
CA PHE A 68 20.01 -2.62 15.45
C PHE A 68 20.13 -2.34 13.95
N HIS A 69 19.24 -2.91 13.13
CA HIS A 69 19.43 -2.85 11.68
C HIS A 69 19.06 -1.49 11.11
N TYR A 70 17.90 -0.98 11.50
CA TYR A 70 17.43 0.30 11.00
C TYR A 70 18.32 1.44 11.48
N PRO A 71 18.73 1.51 12.76
CA PRO A 71 19.70 2.56 13.14
C PRO A 71 20.96 2.58 12.30
N ILE A 72 21.50 1.42 11.89
CA ILE A 72 22.63 1.42 10.96
C ILE A 72 22.21 2.04 9.63
N ILE A 73 21.00 1.71 9.16
CA ILE A 73 20.53 2.31 7.90
C ILE A 73 20.49 3.83 8.04
N LYS A 74 19.97 4.32 9.16
CA LYS A 74 19.84 5.75 9.38
C LYS A 74 21.22 6.42 9.51
N PHE A 75 22.17 5.73 10.14
CA PHE A 75 23.54 6.23 10.22
C PHE A 75 24.12 6.46 8.84
N PHE A 76 24.01 5.46 7.96
CA PHE A 76 24.50 5.63 6.58
C PHE A 76 23.77 6.77 5.86
N GLN A 77 22.45 6.81 6.00
CA GLN A 77 21.65 7.91 5.44
C GLN A 77 22.17 9.27 5.88
N GLN A 78 22.48 9.41 7.18
CA GLN A 78 23.02 10.66 7.71
C GLN A 78 24.37 10.99 7.08
N GLN A 79 25.23 9.98 6.90
CA GLN A 79 26.53 10.24 6.27
C GLN A 79 26.34 10.78 4.85
N HIS A 80 25.39 10.20 4.12
CA HIS A 80 25.06 10.70 2.80
C HIS A 80 24.59 12.16 2.88
N ALA A 81 23.75 12.46 3.88
CA ALA A 81 23.26 13.83 4.04
C ALA A 81 24.40 14.80 4.32
N VAL A 82 25.37 14.40 5.14
CA VAL A 82 26.47 15.29 5.48
C VAL A 82 27.26 15.67 4.23
N VAL A 83 27.63 14.66 3.44
CA VAL A 83 28.38 14.96 2.21
C VAL A 83 27.53 15.78 1.23
N PHE A 84 26.24 15.49 1.13
CA PHE A 84 25.37 16.26 0.23
C PHE A 84 25.30 17.73 0.64
N GLU A 85 25.22 17.99 1.94
CA GLU A 85 25.21 19.37 2.40
C GLU A 85 26.57 20.03 2.19
N GLU A 86 27.67 19.26 2.22
CA GLU A 86 28.95 19.82 1.81
C GLU A 86 28.92 20.32 0.37
N GLN A 87 28.29 19.54 -0.51
CA GLN A 87 28.14 19.99 -1.90
C GLN A 87 27.31 21.27 -1.97
N ASN A 88 26.27 21.34 -1.14
CA ASN A 88 25.46 22.55 -1.10
C ASN A 88 26.27 23.74 -0.64
N ARG A 89 27.10 23.55 0.39
CA ARG A 89 27.91 24.64 0.92
C ARG A 89 28.88 25.16 -0.12
N GLU A 90 29.44 24.26 -0.94
CA GLU A 90 30.29 24.71 -2.03
C GLU A 90 29.50 25.56 -3.02
N LEU A 91 28.31 25.08 -3.40
CA LEU A 91 27.50 25.84 -4.37
C LEU A 91 27.19 27.25 -3.86
N LYS A 92 26.70 27.36 -2.62
CA LYS A 92 26.39 28.68 -2.08
C LYS A 92 27.64 29.57 -2.00
N LYS A 93 28.79 28.98 -1.67
CA LYS A 93 30.01 29.78 -1.57
C LYS A 93 30.39 30.34 -2.94
N CYS A 94 30.48 29.45 -3.94
CA CYS A 94 30.82 29.91 -5.29
C CYS A 94 29.83 30.95 -5.80
N GLN A 95 28.54 30.78 -5.51
CA GLN A 95 27.54 31.75 -5.96
C GLN A 95 27.74 33.11 -5.29
N LYS A 96 27.94 33.12 -3.97
CA LYS A 96 28.15 34.39 -3.26
C LYS A 96 29.45 35.06 -3.68
N GLU A 97 30.47 34.29 -4.02
CA GLU A 97 31.78 34.82 -4.39
C GLU A 97 31.86 35.30 -5.83
N GLY A 98 30.75 35.29 -6.56
CA GLY A 98 30.76 35.74 -7.94
C GLY A 98 31.38 34.78 -8.92
N ARG A 99 31.57 33.51 -8.53
CA ARG A 99 32.18 32.51 -9.42
C ARG A 99 31.28 31.27 -9.56
N PRO A 100 29.99 31.46 -9.90
CA PRO A 100 29.08 30.30 -9.95
C PRO A 100 29.50 29.24 -10.95
N GLY A 101 30.17 29.62 -12.04
CA GLY A 101 30.63 28.64 -13.01
C GLY A 101 31.77 27.78 -12.51
N GLU A 102 32.46 28.21 -11.45
CA GLU A 102 33.54 27.43 -10.87
C GLU A 102 33.04 26.30 -9.97
N PHE A 103 31.75 26.31 -9.61
CA PHE A 103 31.22 25.26 -8.76
C PHE A 103 31.33 23.91 -9.44
N LYS A 104 31.93 22.95 -8.74
CA LYS A 104 32.04 21.58 -9.22
C LYS A 104 31.54 20.62 -8.16
N VAL A 105 30.66 19.71 -8.56
CA VAL A 105 30.31 18.59 -7.70
C VAL A 105 31.57 17.77 -7.42
N ARG A 106 31.65 17.21 -6.21
CA ARG A 106 32.72 16.30 -5.84
C ARG A 106 32.16 14.88 -5.77
N PRO A 107 32.14 14.12 -6.87
CA PRO A 107 31.56 12.77 -6.83
C PRO A 107 32.37 11.79 -6.01
N VAL A 108 33.65 12.07 -5.75
CA VAL A 108 34.41 11.23 -4.84
C VAL A 108 33.90 11.47 -3.42
N GLU A 109 34.06 10.46 -2.56
CA GLU A 109 33.73 10.42 -1.13
C GLU A 109 32.23 10.43 -0.89
N MET A 110 31.43 10.50 -1.96
CA MET A 110 30.06 10.00 -1.95
C MET A 110 30.06 8.50 -2.21
N ARG A 111 30.80 8.09 -3.24
CA ARG A 111 30.77 6.69 -3.67
C ARG A 111 31.33 5.76 -2.60
N LYS A 112 32.43 6.14 -1.95
CA LYS A 112 32.98 5.28 -0.91
C LYS A 112 31.98 5.02 0.22
N ILE A 113 31.28 6.07 0.63
CA ILE A 113 30.27 5.94 1.68
C ILE A 113 29.13 5.05 1.21
N ASN A 114 28.67 5.28 -0.02
CA ASN A 114 27.60 4.45 -0.57
C ASN A 114 28.03 3.00 -0.74
N ASP A 115 29.30 2.77 -1.14
CA ASP A 115 29.80 1.41 -1.25
C ASP A 115 29.78 0.69 0.09
N ASN A 116 30.09 1.40 1.17
CA ASN A 116 30.01 0.76 2.48
C ASN A 116 28.55 0.48 2.85
N PHE A 117 27.66 1.42 2.51
CA PHE A 117 26.24 1.22 2.72
C PHE A 117 25.73 0.02 1.94
N MET A 118 26.16 -0.11 0.69
CA MET A 118 25.71 -1.20 -0.17
C MET A 118 26.18 -2.54 0.36
N LYS A 119 27.40 -2.59 0.90
CA LYS A 119 27.87 -3.83 1.52
C LYS A 119 26.97 -4.23 2.69
N TYR A 120 26.68 -3.26 3.56
CA TYR A 120 25.79 -3.54 4.70
C TYR A 120 24.43 -4.05 4.22
N ILE A 121 23.83 -3.35 3.26
CA ILE A 121 22.52 -3.73 2.71
C ILE A 121 22.57 -5.13 2.15
N LYS A 122 23.64 -5.49 1.43
CA LYS A 122 23.74 -6.83 0.87
C LYS A 122 23.78 -7.88 1.98
N GLU A 123 24.54 -7.62 3.03
CA GLU A 123 24.61 -8.54 4.16
C GLU A 123 23.22 -8.78 4.76
N ILE A 124 22.51 -7.70 5.11
CA ILE A 124 21.22 -7.88 5.77
C ILE A 124 20.16 -8.44 4.81
N TYR A 125 20.25 -8.11 3.51
CA TYR A 125 19.35 -8.71 2.53
C TYR A 125 19.50 -10.22 2.52
N GLN A 126 20.76 -10.70 2.53
CA GLN A 126 20.97 -12.14 2.58
C GLN A 126 20.47 -12.73 3.89
N PHE A 127 20.71 -12.02 5.01
CA PHE A 127 20.27 -12.50 6.31
C PHE A 127 18.77 -12.73 6.35
N TYR A 128 18.00 -11.71 6.00
CA TYR A 128 16.54 -11.84 6.07
C TYR A 128 16.01 -12.79 5.01
N GLY A 129 16.60 -12.85 3.81
CA GLY A 129 16.20 -13.86 2.86
C GLY A 129 16.42 -15.28 3.39
N LYS A 130 17.52 -15.47 4.12
CA LYS A 130 17.85 -16.78 4.67
C LYS A 130 16.83 -17.19 5.73
N LEU A 131 16.49 -16.24 6.61
CA LEU A 131 15.43 -16.47 7.59
C LEU A 131 14.09 -16.78 6.93
N LEU A 132 13.72 -16.01 5.91
CA LEU A 132 12.47 -16.25 5.20
C LEU A 132 12.43 -17.64 4.58
N LYS A 133 13.53 -18.08 3.96
CA LYS A 133 13.56 -19.42 3.40
C LYS A 133 13.39 -20.48 4.49
N TYR A 134 14.03 -20.27 5.64
CA TYR A 134 13.87 -21.21 6.75
C TYR A 134 12.42 -21.27 7.21
N PHE A 135 11.83 -20.12 7.53
CA PHE A 135 10.46 -20.09 8.03
C PHE A 135 9.49 -20.72 7.04
N THR A 136 9.69 -20.48 5.75
CA THR A 136 8.70 -20.89 4.76
C THR A 136 8.88 -22.33 4.28
N THR A 137 10.05 -22.95 4.50
CA THR A 137 10.26 -24.30 4.02
C THR A 137 10.57 -25.33 5.10
N LYS A 138 10.95 -24.90 6.30
CA LYS A 138 11.26 -25.85 7.37
C LYS A 138 9.99 -26.49 7.92
N TYR A 139 8.89 -25.74 7.98
CA TYR A 139 7.63 -26.28 8.48
C TYR A 139 6.58 -26.26 7.38
N LYS A 140 5.75 -27.30 7.36
CA LYS A 140 4.61 -27.38 6.45
C LYS A 140 3.52 -26.44 6.94
N ASN A 141 3.22 -25.41 6.17
CA ASN A 141 2.19 -24.44 6.54
C ASN A 141 1.21 -24.34 5.38
N PRO A 142 0.06 -25.00 5.48
CA PRO A 142 -0.95 -24.90 4.40
C PRO A 142 -1.53 -23.50 4.25
N ASN A 143 -1.28 -22.58 5.18
CA ASN A 143 -1.79 -21.23 5.06
C ASN A 143 -0.89 -20.33 4.22
N ILE A 144 0.26 -20.83 3.79
CA ILE A 144 1.15 -20.10 2.89
C ILE A 144 0.74 -20.44 1.46
N PRO A 145 0.28 -19.48 0.66
CA PRO A 145 -0.17 -19.79 -0.70
C PRO A 145 0.97 -20.25 -1.58
N ASP A 146 0.63 -21.12 -2.53
CA ASP A 146 1.61 -21.61 -3.50
C ASP A 146 2.21 -20.45 -4.29
N LYS A 147 1.41 -19.45 -4.67
CA LYS A 147 1.94 -18.29 -5.37
C LYS A 147 3.09 -17.64 -4.62
N PHE A 148 3.06 -17.67 -3.30
CA PHE A 148 4.16 -17.11 -2.52
C PHE A 148 5.43 -17.95 -2.68
N LEU A 149 5.27 -19.28 -2.63
CA LEU A 149 6.41 -20.16 -2.77
C LEU A 149 6.99 -20.04 -4.17
N GLU A 150 6.11 -19.99 -5.18
CA GLU A 150 6.52 -19.76 -6.56
C GLU A 150 7.25 -18.43 -6.72
N GLU A 151 6.77 -17.38 -6.05
CA GLU A 151 7.45 -16.09 -6.09
C GLU A 151 8.88 -16.20 -5.60
N PHE A 152 9.13 -17.07 -4.61
CA PHE A 152 10.51 -17.25 -4.15
C PHE A 152 11.15 -18.54 -4.66
N ARG A 153 10.38 -19.41 -5.32
CA ARG A 153 10.81 -20.76 -5.69
C ARG A 153 11.33 -21.53 -4.48
N PHE A 154 10.59 -21.41 -3.38
CA PHE A 154 10.71 -22.32 -2.25
C PHE A 154 9.92 -23.60 -2.50
N THR A 155 10.50 -24.73 -2.13
CA THR A 155 9.78 -26.01 -2.16
C THR A 155 9.85 -26.64 -0.77
N VAL A 156 8.68 -26.90 -0.18
CA VAL A 156 8.60 -27.57 1.11
C VAL A 156 8.86 -29.06 0.90
N SER A 157 9.96 -29.57 1.46
CA SER A 157 10.25 -31.00 1.55
C SER A 157 9.33 -31.67 2.56
N GLY A 158 9.49 -32.98 2.73
CA GLY A 158 8.68 -33.68 3.71
C GLY A 158 9.18 -33.40 5.11
N ASN A 159 9.03 -32.14 5.52
CA ASN A 159 9.52 -31.60 6.78
C ASN A 159 8.54 -31.86 7.91
N ALA A 160 8.81 -31.23 9.06
CA ALA A 160 7.92 -31.32 10.22
C ALA A 160 6.55 -30.75 9.88
N ILE A 161 5.52 -31.37 10.44
CA ILE A 161 4.13 -31.00 10.17
C ILE A 161 3.51 -30.63 11.51
N GLU A 162 3.51 -29.33 11.82
CA GLU A 162 2.92 -28.87 13.07
C GLU A 162 1.41 -28.70 12.95
N CYS A 163 0.71 -29.75 12.54
CA CYS A 163 -0.73 -29.82 12.72
C CYS A 163 -1.13 -29.79 14.19
N GLN A 164 -0.16 -30.02 15.09
CA GLN A 164 -0.43 -30.02 16.53
C GLN A 164 -0.96 -28.67 16.99
N ASP A 165 -0.43 -27.58 16.45
CA ASP A 165 -0.66 -26.24 16.98
C ASP A 165 -0.80 -25.26 15.83
N ASP A 166 -2.00 -24.71 15.64
CA ASP A 166 -2.19 -23.63 14.69
C ASP A 166 -1.47 -22.36 15.12
N ASN A 167 -1.34 -22.15 16.44
CA ASN A 167 -0.71 -20.94 16.95
C ASN A 167 0.75 -20.87 16.55
N PHE A 168 1.47 -22.01 16.64
CA PHE A 168 2.85 -22.05 16.18
C PHE A 168 2.95 -21.61 14.71
N LEU A 169 2.11 -22.17 13.85
CA LEU A 169 2.12 -21.77 12.45
C LEU A 169 1.81 -20.29 12.29
N GLY A 170 0.93 -19.74 13.12
CA GLY A 170 0.69 -18.31 13.11
C GLY A 170 1.93 -17.50 13.46
N HIS A 171 2.67 -17.93 14.48
CA HIS A 171 3.92 -17.24 14.80
C HIS A 171 4.91 -17.31 13.64
N VAL A 172 5.02 -18.49 13.02
CA VAL A 172 5.95 -18.65 11.89
C VAL A 172 5.55 -17.73 10.73
N ILE A 173 4.25 -17.66 10.43
CA ILE A 173 3.81 -16.81 9.32
C ILE A 173 4.05 -15.34 9.64
N HIS A 174 3.81 -14.94 10.89
CA HIS A 174 4.13 -13.57 11.29
C HIS A 174 5.62 -13.28 11.11
N LEU A 175 6.49 -14.22 11.51
CA LEU A 175 7.92 -14.03 11.33
C LEU A 175 8.28 -13.89 9.85
N SER A 176 7.65 -14.66 8.98
CA SER A 176 7.89 -14.52 7.55
C SER A 176 7.43 -13.15 7.05
N HIS A 177 6.29 -12.69 7.55
CA HIS A 177 5.82 -11.34 7.23
C HIS A 177 6.86 -10.31 7.63
N LYS A 178 7.38 -10.41 8.85
CA LYS A 178 8.39 -9.46 9.29
C LYS A 178 9.64 -9.51 8.42
N CYS A 179 10.03 -10.71 7.96
CA CYS A 179 11.15 -10.80 7.04
C CYS A 179 10.89 -10.01 5.77
N CYS A 180 9.70 -10.22 5.17
CA CYS A 180 9.37 -9.50 3.94
C CYS A 180 9.33 -8.00 4.19
N LEU A 181 8.79 -7.61 5.34
CA LEU A 181 8.72 -6.19 5.71
C LEU A 181 10.12 -5.59 5.79
N CYS A 182 11.04 -6.28 6.46
CA CYS A 182 12.41 -5.78 6.57
C CYS A 182 13.06 -5.66 5.20
N LEU A 183 12.83 -6.65 4.32
CA LEU A 183 13.39 -6.54 2.98
C LEU A 183 12.82 -5.34 2.24
N GLY A 184 11.51 -5.13 2.34
CA GLY A 184 10.90 -3.96 1.73
C GLY A 184 11.45 -2.65 2.29
N ASP A 185 11.54 -2.56 3.62
CA ASP A 185 12.02 -1.35 4.27
C ASP A 185 13.47 -1.04 3.91
N MET A 186 14.34 -2.06 3.94
CA MET A 186 15.73 -1.87 3.54
C MET A 186 15.83 -1.38 2.10
N LEU A 187 15.11 -2.04 1.18
CA LEU A 187 15.20 -1.62 -0.23
C LEU A 187 14.62 -0.23 -0.42
N ARG A 188 13.56 0.12 0.32
CA ARG A 188 13.00 1.47 0.24
C ARG A 188 14.01 2.50 0.71
N ASN A 189 14.70 2.25 1.83
CA ASN A 189 15.68 3.22 2.30
C ASN A 189 16.85 3.32 1.34
N GLN A 190 17.29 2.19 0.78
CA GLN A 190 18.35 2.22 -0.22
C GLN A 190 17.95 3.07 -1.42
N ALA A 191 16.77 2.79 -2.00
CA ALA A 191 16.31 3.56 -3.16
C ALA A 191 16.17 5.04 -2.82
N PHE A 192 15.70 5.35 -1.61
CA PHE A 192 15.57 6.76 -1.22
C PHE A 192 16.94 7.43 -1.18
N ILE A 193 17.91 6.79 -0.53
CA ILE A 193 19.25 7.36 -0.46
C ILE A 193 19.82 7.55 -1.86
N ASP A 194 19.67 6.53 -2.71
CA ASP A 194 20.20 6.63 -4.06
C ASP A 194 19.60 7.80 -4.82
N THR A 195 18.28 7.92 -4.82
CA THR A 195 17.65 8.94 -5.65
C THR A 195 17.87 10.34 -5.09
N ASN A 196 18.00 10.49 -3.77
CA ASN A 196 18.06 11.84 -3.22
C ASN A 196 19.47 12.31 -2.88
N TYR A 197 20.40 11.40 -2.63
CA TYR A 197 21.76 11.79 -2.28
C TYR A 197 22.81 11.32 -3.29
N VAL A 198 22.74 10.04 -3.67
CA VAL A 198 23.81 9.44 -4.47
C VAL A 198 23.76 9.94 -5.90
N VAL A 199 22.62 9.75 -6.58
CA VAL A 199 22.50 10.21 -7.96
C VAL A 199 22.74 11.71 -8.09
N PRO A 200 22.20 12.59 -7.25
CA PRO A 200 22.51 14.02 -7.38
C PRO A 200 23.98 14.36 -7.25
N CYS A 201 24.77 13.52 -6.59
CA CYS A 201 26.19 13.81 -6.38
C CYS A 201 27.09 13.22 -7.45
N LEU A 202 26.53 12.61 -8.49
CA LEU A 202 27.37 11.97 -9.51
C LEU A 202 27.98 13.00 -10.46
N SER A 203 27.26 14.06 -10.78
CA SER A 203 27.77 15.07 -11.70
C SER A 203 26.98 16.36 -11.52
N ASN A 204 27.57 17.46 -11.99
CA ASN A 204 26.80 18.68 -12.21
C ASN A 204 25.59 18.39 -13.08
N LYS A 205 25.77 17.52 -14.09
CA LYS A 205 24.65 17.08 -14.92
C LYS A 205 23.57 16.40 -14.09
N GLU A 206 23.94 15.71 -13.01
CA GLU A 206 22.94 15.19 -12.09
C GLU A 206 22.37 16.26 -11.15
N PHE A 207 23.21 17.20 -10.69
CA PHE A 207 22.91 17.97 -9.49
C PHE A 207 21.71 18.90 -9.68
N PHE A 208 21.72 19.73 -10.72
CA PHE A 208 20.88 20.91 -10.75
C PHE A 208 19.39 20.57 -10.91
N LYS A 209 19.08 19.50 -11.64
CA LYS A 209 17.70 19.12 -11.88
C LYS A 209 16.99 18.79 -10.58
N PHE A 210 17.70 18.14 -9.65
CA PHE A 210 17.14 17.89 -8.33
C PHE A 210 16.81 19.20 -7.62
N LYS A 211 17.66 20.22 -7.78
CA LYS A 211 17.36 21.52 -7.19
C LYS A 211 16.19 22.22 -7.86
N SER A 212 16.08 22.12 -9.18
CA SER A 212 15.04 22.83 -9.92
C SER A 212 13.71 22.07 -9.86
N SER A 213 13.76 20.80 -10.21
CA SER A 213 12.62 19.90 -10.08
C SER A 213 12.66 19.28 -8.69
N PRO A 214 11.65 19.49 -7.83
CA PRO A 214 11.86 19.16 -6.41
C PRO A 214 12.18 17.69 -6.19
N ASN A 215 11.38 16.77 -6.72
CA ASN A 215 11.94 15.54 -7.25
C ASN A 215 11.43 15.17 -8.64
N LYS A 216 10.25 15.66 -9.05
CA LYS A 216 9.59 15.26 -10.29
C LYS A 216 9.73 13.75 -10.51
N ARG A 217 9.43 13.00 -9.45
CA ARG A 217 9.85 11.60 -9.33
C ARG A 217 8.93 10.69 -10.13
N ASN A 218 9.12 10.71 -11.45
CA ASN A 218 8.55 9.70 -12.33
C ASN A 218 9.43 8.46 -12.41
N HIS A 219 10.36 8.33 -11.45
CA HIS A 219 11.37 7.27 -11.40
C HIS A 219 10.94 6.09 -10.55
N MET A 220 9.62 5.85 -10.47
CA MET A 220 9.05 4.82 -9.62
C MET A 220 9.75 3.48 -9.77
N GLY A 221 10.35 3.21 -10.93
CA GLY A 221 11.03 1.93 -11.13
C GLY A 221 12.01 1.60 -10.03
N SER A 222 12.66 2.61 -9.45
CA SER A 222 13.68 2.38 -8.43
C SER A 222 13.10 1.78 -7.17
N TYR A 223 11.79 1.89 -6.98
CA TYR A 223 11.09 1.34 -5.83
C TYR A 223 10.35 0.06 -6.13
N VAL A 224 10.35 -0.39 -7.40
CA VAL A 224 9.52 -1.53 -7.77
C VAL A 224 9.77 -2.71 -6.83
N LYS A 225 11.05 -3.02 -6.58
CA LYS A 225 11.37 -4.21 -5.81
C LYS A 225 10.85 -4.09 -4.39
N ALA A 226 10.96 -2.89 -3.80
CA ALA A 226 10.46 -2.73 -2.44
C ALA A 226 8.96 -2.97 -2.42
N ILE A 227 8.25 -2.43 -3.41
CA ILE A 227 6.80 -2.60 -3.45
C ILE A 227 6.47 -4.08 -3.59
N GLN A 228 7.25 -4.79 -4.41
CA GLN A 228 7.00 -6.22 -4.56
C GLN A 228 7.02 -6.90 -3.21
N TYR A 229 8.06 -6.62 -2.41
CA TYR A 229 8.14 -7.26 -1.09
C TYR A 229 6.96 -6.85 -0.24
N TYR A 230 6.56 -5.58 -0.30
CA TYR A 230 5.43 -5.13 0.49
C TYR A 230 4.16 -5.84 0.03
N ASN A 231 4.04 -6.09 -1.28
CA ASN A 231 2.86 -6.80 -1.74
C ASN A 231 2.87 -8.22 -1.21
N LEU A 232 4.06 -8.82 -1.11
CA LEU A 232 4.14 -10.17 -0.56
C LEU A 232 3.67 -10.16 0.90
N CYS A 233 3.99 -9.09 1.63
CA CYS A 233 3.51 -8.99 2.99
C CYS A 233 1.99 -9.02 3.03
N ILE A 234 1.36 -8.21 2.18
CA ILE A 234 -0.10 -8.18 2.15
C ILE A 234 -0.65 -9.53 1.72
N MET A 235 0.07 -10.25 0.84
CA MET A 235 -0.37 -11.59 0.48
C MET A 235 -0.38 -12.51 1.71
N LEU A 236 0.65 -12.42 2.55
CA LEU A 236 0.76 -13.36 3.66
C LEU A 236 -0.27 -13.05 4.74
N ILE A 237 -0.29 -11.81 5.21
CA ILE A 237 -1.18 -11.36 6.27
C ILE A 237 -1.78 -10.02 5.86
N PRO A 238 -2.83 -10.00 5.05
CA PRO A 238 -3.40 -8.71 4.61
C PRO A 238 -3.98 -7.90 5.75
N ALA A 239 -4.21 -8.52 6.91
CA ALA A 239 -4.78 -7.82 8.05
C ALA A 239 -3.83 -6.78 8.64
N LEU A 240 -2.52 -6.92 8.43
CA LEU A 240 -1.54 -6.05 9.06
C LEU A 240 -1.38 -4.74 8.28
N SER A 241 -1.45 -3.61 9.00
CA SER A 241 -1.51 -2.28 8.41
C SER A 241 -0.18 -1.77 7.84
N GLU A 242 0.96 -2.26 8.32
CA GLU A 242 2.23 -1.60 8.04
C GLU A 242 2.63 -1.62 6.56
N PRO A 243 2.55 -2.75 5.84
CA PRO A 243 2.94 -2.72 4.41
C PRO A 243 2.16 -1.71 3.57
N TYR A 244 0.86 -1.58 3.83
CA TYR A 244 0.08 -0.58 3.09
C TYR A 244 0.63 0.81 3.35
N ASN A 245 0.95 1.10 4.61
CA ASN A 245 1.48 2.42 4.95
C ASN A 245 2.79 2.67 4.20
N GLN A 246 3.68 1.69 4.17
CA GLN A 246 4.95 1.94 3.49
C GLN A 246 4.77 2.11 1.98
N ILE A 247 3.83 1.37 1.37
CA ILE A 247 3.51 1.62 -0.03
C ILE A 247 3.04 3.06 -0.22
N GLY A 248 2.15 3.51 0.66
CA GLY A 248 1.71 4.90 0.60
C GLY A 248 2.88 5.86 0.75
N VAL A 249 3.83 5.54 1.61
CA VAL A 249 5.01 6.36 1.80
C VAL A 249 5.81 6.46 0.50
N ILE A 250 5.92 5.35 -0.22
CA ILE A 250 6.61 5.37 -1.51
C ILE A 250 5.90 6.33 -2.45
N TYR A 251 4.59 6.12 -2.64
CA TYR A 251 3.84 6.98 -3.55
C TYR A 251 3.95 8.45 -3.13
N ASN A 252 3.92 8.72 -1.82
CA ASN A 252 4.06 10.08 -1.32
C ASN A 252 5.42 10.66 -1.68
N SER A 253 6.47 9.84 -1.62
CA SER A 253 7.82 10.32 -1.95
C SER A 253 7.96 10.66 -3.43
N VAL A 254 7.20 10.01 -4.30
CA VAL A 254 7.29 10.25 -5.73
C VAL A 254 6.24 11.27 -6.18
N ASP A 255 5.63 11.95 -5.21
CA ASP A 255 4.64 13.01 -5.44
C ASP A 255 3.35 12.49 -6.06
N ASP A 256 3.13 11.17 -6.02
CA ASP A 256 1.85 10.59 -6.39
C ASP A 256 0.98 10.61 -5.14
N LYS A 257 0.46 11.79 -4.83
CA LYS A 257 -0.20 11.98 -3.54
C LYS A 257 -1.52 11.23 -3.45
N PHE A 258 -2.22 11.01 -4.58
CA PHE A 258 -3.49 10.31 -4.52
C PHE A 258 -3.30 8.82 -4.22
N ASN A 259 -2.38 8.16 -4.92
CA ASN A 259 -2.13 6.76 -4.60
C ASN A 259 -1.59 6.61 -3.19
N ALA A 260 -0.81 7.59 -2.72
CA ALA A 260 -0.39 7.60 -1.33
C ALA A 260 -1.61 7.59 -0.41
N ILE A 261 -2.57 8.47 -0.67
CA ILE A 261 -3.78 8.56 0.15
C ILE A 261 -4.53 7.24 0.14
N TYR A 262 -4.71 6.66 -1.05
CA TYR A 262 -5.40 5.39 -1.17
C TYR A 262 -4.75 4.33 -0.29
N TRP A 263 -3.42 4.20 -0.37
CA TRP A 263 -2.74 3.19 0.43
C TRP A 263 -2.77 3.49 1.91
N PHE A 264 -2.74 4.77 2.30
CA PHE A 264 -2.83 5.11 3.72
C PHE A 264 -4.20 4.74 4.27
N LEU A 265 -5.25 4.95 3.47
CA LEU A 265 -6.58 4.52 3.88
C LEU A 265 -6.67 3.00 3.95
N ARG A 266 -6.06 2.30 2.99
CA ARG A 266 -6.02 0.85 3.06
C ARG A 266 -5.33 0.38 4.34
N SER A 267 -4.24 1.06 4.71
CA SER A 267 -3.55 0.76 5.97
C SER A 267 -4.46 0.97 7.16
N HIS A 268 -5.20 2.08 7.17
CA HIS A 268 -6.11 2.36 8.27
C HIS A 268 -7.21 1.31 8.39
N PHE A 269 -7.72 0.81 7.27
CA PHE A 269 -8.89 -0.07 7.28
C PHE A 269 -8.54 -1.56 7.31
N SER A 270 -7.25 -1.92 7.38
CA SER A 270 -6.91 -3.32 7.54
C SER A 270 -7.45 -3.84 8.87
N ARG A 271 -7.79 -5.13 8.90
CA ARG A 271 -8.56 -5.66 10.03
C ARG A 271 -7.81 -5.51 11.35
N LEU A 272 -6.54 -5.93 11.38
CA LEU A 272 -5.67 -5.66 12.53
C LEU A 272 -4.81 -4.42 12.29
N SER A 273 -5.47 -3.27 12.17
CA SER A 273 -4.74 -2.03 12.01
C SER A 273 -4.47 -1.43 13.38
N GLU A 274 -3.27 -0.87 13.54
CA GLU A 274 -2.98 -0.05 14.71
C GLU A 274 -3.74 1.28 14.65
N HIS A 275 -4.10 1.73 13.45
CA HIS A 275 -4.86 2.97 13.22
C HIS A 275 -4.06 4.24 13.54
N GLN A 276 -2.72 4.23 13.38
CA GLN A 276 -1.88 5.38 13.68
C GLN A 276 -1.28 6.01 12.45
N LEU A 277 -0.58 5.18 11.66
CA LEU A 277 0.27 5.67 10.58
C LEU A 277 -0.54 6.22 9.42
N GLY A 278 -1.50 5.42 8.93
CA GLY A 278 -2.19 5.76 7.69
C GLY A 278 -2.92 7.07 7.79
N PHE A 279 -3.72 7.22 8.84
CA PHE A 279 -4.52 8.44 8.97
C PHE A 279 -3.61 9.64 9.10
N ALA A 280 -2.57 9.55 9.94
CA ALA A 280 -1.68 10.68 10.14
C ALA A 280 -1.02 11.11 8.83
N ASN A 281 -0.53 10.15 8.05
CA ASN A 281 0.16 10.51 6.80
C ASN A 281 -0.83 11.08 5.78
N MET A 282 -1.98 10.44 5.64
CA MET A 282 -3.00 10.91 4.71
C MET A 282 -3.44 12.32 5.07
N SER A 283 -3.71 12.57 6.35
CA SER A 283 -4.07 13.91 6.78
C SER A 283 -2.95 14.90 6.50
N ALA A 284 -1.70 14.49 6.72
CA ALA A 284 -0.60 15.40 6.48
C ALA A 284 -0.57 15.81 5.02
N ILE A 285 -1.01 14.92 4.14
CA ILE A 285 -1.18 15.31 2.74
C ILE A 285 -2.37 16.27 2.59
N LEU A 286 -3.53 15.89 3.14
CA LEU A 286 -4.74 16.69 2.95
C LEU A 286 -4.60 18.10 3.50
N LYS A 287 -3.91 18.27 4.65
CA LYS A 287 -3.77 19.61 5.21
C LYS A 287 -2.89 20.52 4.35
N LYS A 288 -2.15 19.97 3.39
CA LYS A 288 -1.16 20.71 2.62
C LYS A 288 -1.81 21.34 1.40
N HIS A 289 -0.99 21.87 0.50
CA HIS A 289 -1.44 22.68 -0.62
C HIS A 289 -1.27 21.97 -1.97
N TRP A 290 -0.85 20.71 -1.95
CA TRP A 290 -0.53 20.03 -3.22
C TRP A 290 -1.79 19.89 -4.08
N PHE A 291 -2.88 19.40 -3.49
CA PHE A 291 -4.12 19.21 -4.26
C PHE A 291 -4.71 20.54 -4.72
N THR A 292 -4.67 21.57 -3.87
CA THR A 292 -5.24 22.84 -4.30
C THR A 292 -4.40 23.48 -5.40
N THR A 293 -3.08 23.30 -5.34
CA THR A 293 -2.22 23.82 -6.39
C THR A 293 -2.42 23.05 -7.69
N ALA A 294 -2.48 21.72 -7.61
CA ALA A 294 -2.78 20.92 -8.79
C ALA A 294 -4.13 21.29 -9.38
N LEU A 295 -5.13 21.55 -8.53
CA LEU A 295 -6.45 21.95 -9.03
C LEU A 295 -6.37 23.26 -9.80
N VAL A 296 -5.67 24.26 -9.26
CA VAL A 296 -5.57 25.54 -9.96
C VAL A 296 -4.84 25.36 -11.30
N ASP A 297 -3.76 24.57 -11.28
CA ASP A 297 -3.03 24.32 -12.52
C ASP A 297 -3.91 23.64 -13.57
N ILE A 298 -4.71 22.65 -13.15
CA ILE A 298 -5.62 21.99 -14.08
C ILE A 298 -6.62 22.98 -14.67
N VAL A 299 -7.27 23.78 -13.82
CA VAL A 299 -8.32 24.66 -14.32
C VAL A 299 -7.74 25.76 -15.20
N ASN A 300 -6.52 26.20 -14.94
CA ASN A 300 -5.91 27.22 -15.78
C ASN A 300 -5.34 26.66 -17.07
N GLY A 301 -5.28 25.33 -17.20
CA GLY A 301 -4.95 24.68 -18.45
C GLY A 301 -3.49 24.71 -18.78
N ASN A 302 -2.95 25.91 -19.03
CA ASN A 302 -1.53 26.04 -19.28
C ASN A 302 -0.75 25.61 -18.04
N SER A 303 0.05 24.55 -18.19
CA SER A 303 0.78 24.03 -17.05
C SER A 303 1.83 23.05 -17.53
N GLU A 304 3.01 23.13 -16.92
CA GLU A 304 3.97 22.04 -17.03
C GLU A 304 3.52 20.83 -16.21
N ARG A 305 2.70 21.05 -15.17
CA ARG A 305 2.17 19.98 -14.32
C ARG A 305 1.68 18.75 -15.08
N ARG A 306 0.79 18.98 -16.06
CA ARG A 306 0.49 18.06 -17.17
C ARG A 306 0.04 16.67 -16.64
N PHE A 307 -1.08 16.69 -15.91
CA PHE A 307 -1.71 15.51 -15.32
C PHE A 307 -2.50 14.73 -16.37
N SER A 308 -2.43 13.40 -16.29
CA SER A 308 -3.26 12.55 -17.15
C SER A 308 -4.70 12.60 -16.67
N ASN A 309 -5.61 12.16 -17.55
CA ASN A 309 -7.04 12.30 -17.29
C ASN A 309 -7.45 11.61 -15.98
N ALA A 310 -6.96 10.40 -15.76
CA ALA A 310 -7.23 9.74 -14.49
C ALA A 310 -6.65 10.53 -13.31
N ASN A 311 -5.45 11.10 -13.48
CA ASN A 311 -4.91 11.96 -12.44
C ASN A 311 -5.77 13.20 -12.24
N VAL A 312 -6.38 13.72 -13.31
CA VAL A 312 -7.31 14.85 -13.18
C VAL A 312 -8.51 14.44 -12.34
N MET A 313 -9.08 13.28 -12.63
CA MET A 313 -10.18 12.77 -11.81
C MET A 313 -9.77 12.64 -10.34
N ASN A 314 -8.58 12.10 -10.08
CA ASN A 314 -8.11 11.96 -8.69
C ASN A 314 -8.03 13.31 -7.99
N VAL A 315 -7.47 14.32 -8.68
CA VAL A 315 -7.35 15.65 -8.07
C VAL A 315 -8.74 16.23 -7.82
N PHE A 316 -9.64 16.11 -8.80
CA PHE A 316 -11.01 16.61 -8.61
C PHE A 316 -11.67 15.94 -7.42
N LEU A 317 -11.57 14.60 -7.34
CA LEU A 317 -12.19 13.86 -6.25
C LEU A 317 -11.69 14.36 -4.90
N VAL A 318 -10.38 14.43 -4.73
CA VAL A 318 -9.84 14.84 -3.44
C VAL A 318 -10.25 16.27 -3.11
N CYS A 319 -10.27 17.16 -4.11
CA CYS A 319 -10.69 18.54 -3.84
C CYS A 319 -12.16 18.60 -3.41
N LEU A 320 -13.01 17.79 -4.04
CA LEU A 320 -14.43 17.81 -3.70
C LEU A 320 -14.65 17.24 -2.31
N LEU A 321 -13.95 16.16 -1.97
CA LEU A 321 -14.06 15.60 -0.63
C LEU A 321 -13.55 16.59 0.41
N GLY A 322 -12.39 17.22 0.14
CA GLY A 322 -11.84 18.19 1.06
C GLY A 322 -12.78 19.35 1.32
N TYR A 323 -13.51 19.79 0.29
CA TYR A 323 -14.43 20.90 0.46
C TYR A 323 -15.42 20.67 1.61
N ILE A 324 -15.78 19.41 1.87
CA ILE A 324 -16.67 19.05 2.98
C ILE A 324 -15.88 18.63 4.22
N TYR A 325 -14.86 17.79 4.04
CA TYR A 325 -14.17 17.15 5.15
C TYR A 325 -13.10 18.04 5.77
N CYS A 326 -12.50 18.93 4.99
CA CYS A 326 -11.39 19.77 5.43
C CYS A 326 -11.64 21.19 4.94
N PRO A 327 -12.76 21.80 5.34
CA PRO A 327 -13.14 23.09 4.75
C PRO A 327 -12.12 24.19 4.95
N GLU A 328 -11.33 24.12 6.04
CA GLU A 328 -10.32 25.14 6.28
C GLU A 328 -9.33 25.25 5.12
N ARG A 329 -9.16 24.18 4.36
CA ARG A 329 -8.24 24.15 3.22
C ARG A 329 -8.94 24.22 1.87
N TYR A 330 -10.13 23.66 1.75
CA TYR A 330 -10.76 23.44 0.46
C TYR A 330 -12.11 24.13 0.30
N LYS A 331 -12.56 24.91 1.28
CA LYS A 331 -13.84 25.59 1.20
C LYS A 331 -13.64 27.08 1.38
N ASN A 332 -13.97 27.86 0.34
CA ASN A 332 -14.05 29.32 0.42
C ASN A 332 -15.41 29.70 -0.16
N GLY A 333 -16.42 29.75 0.71
CA GLY A 333 -17.79 29.93 0.29
C GLY A 333 -18.26 28.81 -0.61
N PRO A 334 -18.85 29.16 -1.76
CA PRO A 334 -19.20 28.13 -2.75
C PRO A 334 -18.05 27.64 -3.61
N ASN A 335 -16.85 28.19 -3.49
CA ASN A 335 -15.72 27.80 -4.31
C ASN A 335 -14.68 27.03 -3.49
N ILE A 336 -13.93 26.17 -4.17
CA ILE A 336 -12.91 25.39 -3.46
C ILE A 336 -11.68 26.24 -3.15
N VAL A 337 -11.04 26.76 -4.21
CA VAL A 337 -10.03 27.80 -4.09
C VAL A 337 -10.24 28.78 -5.23
N LYS A 338 -9.69 29.98 -5.06
CA LYS A 338 -9.49 30.96 -6.13
C LYS A 338 -10.66 31.03 -7.10
N LYS A 339 -11.87 31.22 -6.57
CA LYS A 339 -13.09 31.40 -7.33
C LYS A 339 -13.50 30.18 -8.15
N ILE A 340 -12.85 29.03 -7.96
CA ILE A 340 -13.22 27.80 -8.64
C ILE A 340 -14.39 27.15 -7.92
N PRO A 341 -15.62 27.22 -8.45
CA PRO A 341 -16.77 26.67 -7.72
C PRO A 341 -16.64 25.17 -7.48
N PHE A 342 -17.14 24.73 -6.31
CA PHE A 342 -17.29 23.30 -6.02
C PHE A 342 -18.11 22.60 -7.10
N SER A 343 -19.26 23.20 -7.46
CA SER A 343 -20.18 22.56 -8.39
C SER A 343 -19.57 22.36 -9.76
N LYS A 344 -18.70 23.28 -10.19
CA LYS A 344 -18.03 23.13 -11.48
C LYS A 344 -17.14 21.90 -11.50
N ILE A 345 -16.30 21.74 -10.48
CA ILE A 345 -15.40 20.59 -10.43
C ILE A 345 -16.19 19.30 -10.28
N GLU A 346 -17.28 19.32 -9.51
CA GLU A 346 -18.12 18.13 -9.39
C GLU A 346 -18.70 17.74 -10.75
N THR A 347 -19.17 18.73 -11.51
CA THR A 347 -19.69 18.45 -12.84
C THR A 347 -18.62 17.86 -13.74
N ASP A 348 -17.40 18.41 -13.69
CA ASP A 348 -16.35 17.95 -14.58
C ASP A 348 -15.99 16.50 -14.27
N LEU A 349 -15.85 16.19 -12.97
CA LEU A 349 -15.56 14.82 -12.57
C LEU A 349 -16.66 13.87 -13.05
N PHE A 350 -17.93 14.27 -12.87
CA PHE A 350 -19.00 13.36 -13.23
C PHE A 350 -19.06 13.11 -14.73
N LYS A 351 -18.68 14.10 -15.56
CA LYS A 351 -18.55 13.82 -16.99
C LYS A 351 -17.43 12.84 -17.26
N MET A 352 -16.29 13.02 -16.59
CA MET A 352 -15.15 12.14 -16.84
C MET A 352 -15.47 10.69 -16.52
N ILE A 353 -16.32 10.45 -15.51
CA ILE A 353 -16.70 9.05 -15.22
C ILE A 353 -17.32 8.37 -16.44
N SER A 354 -18.01 9.12 -17.29
CA SER A 354 -18.61 8.54 -18.48
C SER A 354 -17.65 8.52 -19.65
N SER A 355 -16.72 9.49 -19.72
CA SER A 355 -15.84 9.57 -20.87
C SER A 355 -14.54 8.79 -20.68
N ASP A 356 -14.07 8.62 -19.44
CA ASP A 356 -12.78 8.02 -19.17
C ASP A 356 -12.90 6.93 -18.12
N PHE A 357 -13.97 6.14 -18.18
CA PHE A 357 -14.25 5.12 -17.18
C PHE A 357 -13.16 4.06 -17.14
N ASP A 358 -12.45 3.99 -16.02
CA ASP A 358 -11.43 2.96 -15.75
C ASP A 358 -11.79 2.26 -14.46
N GLU A 359 -12.02 0.95 -14.53
CA GLU A 359 -12.54 0.22 -13.38
C GLU A 359 -11.62 0.35 -12.17
N GLN A 360 -10.30 0.34 -12.39
CA GLN A 360 -9.39 0.48 -11.27
C GLN A 360 -9.40 1.90 -10.71
N VAL A 361 -9.49 2.90 -11.60
CA VAL A 361 -9.59 4.29 -11.15
C VAL A 361 -10.85 4.48 -10.31
N VAL A 362 -11.99 3.97 -10.80
CA VAL A 362 -13.24 4.09 -10.07
C VAL A 362 -13.18 3.33 -8.76
N LEU A 363 -12.51 2.18 -8.75
CA LEU A 363 -12.40 1.43 -7.50
C LEU A 363 -11.63 2.23 -6.45
N LYS A 364 -10.51 2.83 -6.86
CA LYS A 364 -9.77 3.67 -5.91
C LYS A 364 -10.59 4.88 -5.47
N HIS A 365 -11.33 5.48 -6.40
CA HIS A 365 -12.21 6.60 -6.04
C HIS A 365 -13.19 6.18 -4.95
N LEU A 366 -13.82 5.02 -5.12
CA LEU A 366 -14.79 4.55 -4.15
C LEU A 366 -14.13 4.32 -2.80
N VAL A 367 -12.94 3.69 -2.80
CA VAL A 367 -12.27 3.43 -1.55
C VAL A 367 -11.96 4.72 -0.81
N VAL A 368 -11.42 5.72 -1.53
CA VAL A 368 -11.05 6.98 -0.88
C VAL A 368 -12.29 7.69 -0.33
N MET A 369 -13.33 7.76 -1.17
CA MET A 369 -14.52 8.54 -0.84
C MET A 369 -15.27 7.95 0.34
N PHE A 370 -15.56 6.65 0.30
CA PHE A 370 -16.24 6.04 1.44
C PHE A 370 -15.33 5.89 2.66
N GLY A 371 -14.01 5.81 2.48
CA GLY A 371 -13.11 5.90 3.62
C GLY A 371 -13.26 7.20 4.38
N ILE A 372 -13.25 8.32 3.64
CA ILE A 372 -13.43 9.62 4.28
C ILE A 372 -14.79 9.69 4.96
N VAL A 373 -15.84 9.17 4.29
CA VAL A 373 -17.14 9.07 4.96
C VAL A 373 -17.02 8.34 6.29
N ARG A 374 -16.33 7.20 6.29
CA ARG A 374 -16.17 6.40 7.51
C ARG A 374 -15.46 7.16 8.61
N LEU A 375 -14.49 8.01 8.25
CA LEU A 375 -13.69 8.71 9.24
C LEU A 375 -14.36 9.96 9.80
N THR A 376 -15.40 10.47 9.13
CA THR A 376 -16.07 11.70 9.54
C THR A 376 -17.02 11.45 10.70
N ARG A 377 -16.79 12.13 11.83
CA ARG A 377 -17.68 12.00 12.98
C ARG A 377 -18.89 12.91 12.87
N GLU A 378 -18.70 14.15 12.40
CA GLU A 378 -19.76 15.15 12.42
C GLU A 378 -20.88 14.74 11.48
N ASP A 379 -22.10 14.66 12.01
CA ASP A 379 -23.21 14.12 11.23
C ASP A 379 -23.47 14.96 9.99
N GLU A 380 -23.38 16.29 10.10
CA GLU A 380 -23.61 17.14 8.94
C GLU A 380 -22.57 16.88 7.85
N GLN A 381 -21.29 16.81 8.24
CA GLN A 381 -20.23 16.56 7.26
C GLN A 381 -20.38 15.16 6.66
N ARG A 382 -20.63 14.16 7.51
CA ARG A 382 -20.77 12.80 7.01
C ARG A 382 -21.95 12.68 6.05
N ASP A 383 -23.08 13.30 6.38
CA ASP A 383 -24.24 13.23 5.50
C ASP A 383 -24.00 13.93 4.17
N LYS A 384 -23.37 15.10 4.19
CA LYS A 384 -23.01 15.77 2.93
C LYS A 384 -22.06 14.91 2.10
N LEU A 385 -21.06 14.31 2.76
CA LEU A 385 -20.13 13.45 2.05
C LEU A 385 -20.82 12.25 1.46
N LEU A 386 -21.71 11.61 2.22
CA LEU A 386 -22.47 10.47 1.73
C LEU A 386 -23.34 10.85 0.55
N ARG A 387 -24.00 12.00 0.61
CA ARG A 387 -24.81 12.46 -0.52
C ARG A 387 -23.95 12.65 -1.76
N PHE A 388 -22.76 13.23 -1.60
CA PHE A 388 -21.85 13.38 -2.73
C PHE A 388 -21.45 12.01 -3.28
N ALA A 389 -21.07 11.09 -2.37
CA ALA A 389 -20.67 9.75 -2.77
C ALA A 389 -21.77 9.05 -3.54
N PHE A 390 -23.00 9.20 -3.09
CA PHE A 390 -24.09 8.53 -3.78
C PHE A 390 -24.45 9.23 -5.09
N ARG A 391 -24.17 10.54 -5.21
CA ARG A 391 -24.26 11.17 -6.53
C ARG A 391 -23.23 10.56 -7.48
N TYR A 392 -22.02 10.30 -6.98
CA TYR A 392 -20.99 9.64 -7.78
C TYR A 392 -21.46 8.25 -8.20
N VAL A 393 -21.98 7.49 -7.24
CA VAL A 393 -22.50 6.15 -7.52
C VAL A 393 -23.61 6.21 -8.56
N GLU A 394 -24.49 7.22 -8.49
CA GLU A 394 -25.52 7.39 -9.50
C GLU A 394 -24.92 7.57 -10.89
N LYS A 395 -23.84 8.35 -10.98
CA LYS A 395 -23.20 8.55 -12.29
C LYS A 395 -22.61 7.24 -12.80
N VAL A 396 -21.98 6.48 -11.90
CA VAL A 396 -21.49 5.15 -12.26
C VAL A 396 -22.62 4.28 -12.80
N LEU A 397 -23.75 4.23 -12.09
CA LEU A 397 -24.87 3.40 -12.50
C LEU A 397 -25.43 3.82 -13.85
N VAL A 398 -25.41 5.13 -14.13
CA VAL A 398 -25.84 5.60 -15.44
C VAL A 398 -24.89 5.07 -16.50
N TYR A 399 -23.58 5.17 -16.26
CA TYR A 399 -22.63 4.62 -17.22
C TYR A 399 -22.87 3.13 -17.42
N LEU A 400 -23.03 2.38 -16.32
CA LEU A 400 -23.32 0.95 -16.33
C LEU A 400 -24.67 0.62 -16.95
N LYS A 401 -25.49 1.60 -17.33
CA LYS A 401 -26.62 1.27 -18.20
C LYS A 401 -26.16 0.94 -19.62
N THR A 402 -24.94 1.33 -20.00
CA THR A 402 -24.39 1.03 -21.31
C THR A 402 -22.99 0.41 -21.27
N GLY A 403 -22.20 0.65 -20.22
CA GLY A 403 -20.85 0.15 -20.11
C GLY A 403 -20.73 -1.17 -19.34
N ASP A 404 -19.51 -1.70 -19.35
CA ASP A 404 -19.10 -2.84 -18.53
C ASP A 404 -18.48 -2.28 -17.25
N GLY A 405 -17.89 -3.12 -16.40
CA GLY A 405 -17.76 -2.64 -15.03
C GLY A 405 -18.28 -3.52 -13.90
N LEU A 406 -18.47 -4.82 -14.17
CA LEU A 406 -19.00 -5.72 -13.15
C LEU A 406 -18.18 -5.73 -11.86
N MET A 407 -16.85 -5.56 -11.95
CA MET A 407 -16.05 -5.51 -10.72
C MET A 407 -16.42 -4.31 -9.86
N VAL A 408 -16.62 -3.14 -10.50
CA VAL A 408 -17.03 -1.95 -9.77
C VAL A 408 -18.42 -2.17 -9.15
N LEU A 409 -19.32 -2.78 -9.92
CA LEU A 409 -20.67 -3.03 -9.42
C LEU A 409 -20.65 -3.97 -8.22
N ARG A 410 -19.86 -5.04 -8.29
CA ARG A 410 -19.70 -5.92 -7.14
C ARG A 410 -19.25 -5.14 -5.92
N PHE A 411 -18.23 -4.28 -6.11
CA PHE A 411 -17.75 -3.49 -4.97
C PHE A 411 -18.84 -2.60 -4.41
N ILE A 412 -19.53 -1.86 -5.28
CA ILE A 412 -20.58 -0.94 -4.81
C ILE A 412 -21.63 -1.70 -4.02
N LEU A 413 -22.08 -2.84 -4.58
CA LEU A 413 -23.15 -3.61 -3.94
C LEU A 413 -22.71 -4.17 -2.59
N ASN A 414 -21.47 -4.67 -2.50
CA ASN A 414 -21.01 -5.18 -1.22
C ASN A 414 -20.77 -4.07 -0.20
N LEU A 415 -20.30 -2.91 -0.67
CA LEU A 415 -20.20 -1.74 0.21
C LEU A 415 -21.55 -1.43 0.84
N LEU A 416 -22.60 -1.40 0.02
CA LEU A 416 -23.95 -1.16 0.56
C LEU A 416 -24.39 -2.29 1.48
N ARG A 417 -24.20 -3.54 1.04
CA ARG A 417 -24.61 -4.70 1.81
C ARG A 417 -24.00 -4.70 3.21
N GLU A 418 -22.72 -4.37 3.33
CA GLU A 418 -22.02 -4.50 4.60
C GLU A 418 -22.15 -3.28 5.50
N ASN A 419 -22.64 -2.16 4.99
CA ASN A 419 -22.79 -0.93 5.77
C ASN A 419 -24.26 -0.51 5.78
N ALA A 420 -25.01 -1.01 6.75
CA ALA A 420 -26.44 -0.75 6.80
C ALA A 420 -26.82 0.73 6.73
N PRO A 421 -26.14 1.67 7.42
CA PRO A 421 -26.50 3.09 7.24
C PRO A 421 -26.37 3.58 5.80
N TRP A 422 -25.34 3.11 5.09
CA TRP A 422 -25.15 3.54 3.71
C TRP A 422 -26.19 2.90 2.80
N LEU A 423 -26.53 1.62 3.07
CA LEU A 423 -27.60 0.97 2.34
C LEU A 423 -28.93 1.68 2.54
N GLN A 424 -29.20 2.12 3.76
CA GLN A 424 -30.43 2.86 4.03
C GLN A 424 -30.47 4.17 3.25
N VAL A 425 -29.35 4.89 3.22
CA VAL A 425 -29.33 6.14 2.45
C VAL A 425 -29.49 5.85 0.96
N PHE A 426 -28.86 4.79 0.47
CA PHE A 426 -29.00 4.41 -0.94
C PHE A 426 -30.46 4.12 -1.28
N THR A 427 -31.15 3.34 -0.44
CA THR A 427 -32.53 3.00 -0.77
C THR A 427 -33.48 4.16 -0.54
N SER A 428 -33.09 5.13 0.27
CA SER A 428 -33.90 6.33 0.45
C SER A 428 -33.83 7.27 -0.75
N ARG A 429 -32.83 7.11 -1.62
CA ARG A 429 -32.71 7.91 -2.83
C ARG A 429 -33.42 7.19 -3.97
N ARG A 430 -34.55 7.76 -4.43
CA ARG A 430 -35.30 7.20 -5.54
C ARG A 430 -34.41 6.89 -6.74
N ASN A 431 -33.53 7.82 -7.09
CA ASN A 431 -32.75 7.73 -8.32
C ASN A 431 -31.83 6.51 -8.29
N CYS A 432 -31.12 6.31 -7.18
CA CYS A 432 -30.23 5.17 -7.03
C CYS A 432 -30.96 3.87 -7.35
N VAL A 433 -32.16 3.72 -6.80
CA VAL A 433 -32.97 2.52 -7.04
C VAL A 433 -33.28 2.39 -8.52
N VAL A 434 -33.70 3.48 -9.16
CA VAL A 434 -34.10 3.39 -10.57
C VAL A 434 -32.93 2.96 -11.43
N TYR A 435 -31.75 3.54 -11.18
CA TYR A 435 -30.64 3.22 -12.06
C TYR A 435 -30.16 1.80 -11.80
N LEU A 436 -30.08 1.38 -10.53
CA LEU A 436 -29.70 0.02 -10.22
C LEU A 436 -30.62 -0.99 -10.88
N THR A 437 -31.94 -0.73 -10.83
CA THR A 437 -32.89 -1.63 -11.49
C THR A 437 -32.61 -1.74 -12.97
N ALA A 438 -32.33 -0.60 -13.63
CA ALA A 438 -32.06 -0.66 -15.06
C ALA A 438 -30.76 -1.42 -15.37
N VAL A 439 -29.73 -1.22 -14.54
CA VAL A 439 -28.48 -1.95 -14.74
C VAL A 439 -28.71 -3.45 -14.61
N LEU A 440 -29.37 -3.87 -13.53
CA LEU A 440 -29.58 -5.30 -13.30
C LEU A 440 -30.47 -5.91 -14.38
N LYS A 441 -31.40 -5.14 -14.96
CA LYS A 441 -32.28 -5.72 -15.96
C LYS A 441 -31.52 -6.16 -17.21
N ARG A 442 -30.29 -5.67 -17.40
CA ARG A 442 -29.50 -6.11 -18.54
C ARG A 442 -28.97 -7.54 -18.37
N PHE A 443 -28.74 -7.96 -17.13
CA PHE A 443 -28.07 -9.22 -16.84
C PHE A 443 -29.07 -10.36 -16.74
N ALA A 444 -28.96 -11.35 -17.61
CA ALA A 444 -29.67 -12.61 -17.42
C ALA A 444 -28.95 -13.47 -16.39
N SER A 445 -29.72 -14.17 -15.57
CA SER A 445 -29.17 -15.05 -14.54
C SER A 445 -30.25 -16.00 -14.05
N ASP A 446 -29.97 -17.31 -14.07
CA ASP A 446 -30.86 -18.25 -13.41
C ASP A 446 -30.50 -18.50 -11.94
N SER A 447 -29.42 -17.88 -11.46
CA SER A 447 -29.08 -17.90 -10.04
C SER A 447 -30.15 -17.22 -9.20
N THR A 448 -30.70 -17.97 -8.24
CA THR A 448 -31.57 -17.41 -7.22
C THR A 448 -30.90 -17.37 -5.85
N THR A 449 -29.92 -18.24 -5.61
CA THR A 449 -29.13 -18.29 -4.40
C THR A 449 -27.71 -17.82 -4.73
N ARG A 450 -26.97 -17.43 -3.69
CA ARG A 450 -25.60 -16.96 -3.89
C ARG A 450 -24.79 -18.04 -4.62
N PRO A 451 -24.17 -17.73 -5.74
CA PRO A 451 -23.40 -18.74 -6.48
C PRO A 451 -22.16 -19.18 -5.71
N THR A 452 -21.71 -20.39 -6.02
CA THR A 452 -20.39 -20.84 -5.60
C THR A 452 -19.40 -20.60 -6.74
N ARG A 453 -18.13 -20.54 -6.38
CA ARG A 453 -17.08 -20.33 -7.36
C ARG A 453 -15.87 -21.18 -7.01
N MET A 454 -14.96 -21.33 -7.98
CA MET A 454 -13.78 -22.17 -7.81
C MET A 454 -12.61 -21.44 -7.17
N PHE A 455 -12.54 -20.11 -7.29
CA PHE A 455 -11.40 -19.37 -6.76
C PHE A 455 -11.81 -17.93 -6.50
N PHE A 456 -10.96 -17.24 -5.73
CA PHE A 456 -11.16 -15.82 -5.48
C PHE A 456 -10.81 -15.00 -6.72
N PHE A 457 -11.68 -14.07 -7.07
CA PHE A 457 -11.39 -13.17 -8.17
C PHE A 457 -10.48 -12.05 -7.71
N GLU A 458 -10.00 -11.27 -8.68
CA GLU A 458 -9.03 -10.20 -8.43
C GLU A 458 -9.47 -9.27 -7.29
N GLU A 459 -10.72 -8.80 -7.35
CA GLU A 459 -11.20 -7.86 -6.36
C GLU A 459 -11.26 -8.49 -4.97
N ASP A 460 -11.55 -9.79 -4.90
CA ASP A 460 -11.63 -10.46 -3.60
C ASP A 460 -10.24 -10.50 -2.95
N VAL A 461 -9.23 -10.90 -3.71
CA VAL A 461 -7.87 -10.88 -3.22
C VAL A 461 -7.48 -9.47 -2.79
N ASN A 462 -7.79 -8.47 -3.62
CA ASN A 462 -7.32 -7.10 -3.37
C ASN A 462 -7.86 -6.53 -2.06
N PHE A 463 -9.10 -6.87 -1.68
CA PHE A 463 -9.75 -6.24 -0.53
C PHE A 463 -9.84 -7.15 0.68
N ARG A 464 -9.07 -8.25 0.71
CA ARG A 464 -8.98 -9.11 1.88
C ARG A 464 -8.71 -8.28 3.14
N ASP A 465 -9.47 -8.58 4.19
CA ASP A 465 -9.35 -7.94 5.51
C ASP A 465 -9.52 -6.41 5.45
N CYS A 466 -10.13 -5.88 4.38
CA CYS A 466 -10.50 -4.47 4.32
C CYS A 466 -11.83 -4.28 5.05
N SER A 467 -11.80 -3.55 6.16
CA SER A 467 -13.00 -3.34 6.96
C SER A 467 -14.12 -2.62 6.21
N LEU A 468 -13.81 -1.92 5.10
CA LEU A 468 -14.86 -1.29 4.31
C LEU A 468 -15.92 -2.28 3.86
N ILE A 469 -15.53 -3.52 3.56
CA ILE A 469 -16.49 -4.58 3.24
C ILE A 469 -16.52 -5.64 4.33
N LYS A 470 -16.13 -5.29 5.55
CA LYS A 470 -16.03 -6.22 6.67
C LYS A 470 -15.24 -7.46 6.29
N TYR A 471 -14.09 -7.22 5.66
CA TYR A 471 -12.96 -8.12 5.41
C TYR A 471 -13.18 -9.17 4.32
N GLN A 472 -14.34 -9.28 3.70
CA GLN A 472 -14.48 -10.18 2.55
C GLN A 472 -15.76 -9.87 1.81
N PHE A 473 -15.77 -10.20 0.51
CA PHE A 473 -17.00 -10.21 -0.28
C PHE A 473 -17.92 -11.34 0.21
N LYS A 474 -19.19 -11.01 0.44
CA LYS A 474 -20.15 -12.00 0.92
C LYS A 474 -21.24 -12.34 -0.09
N ASP A 475 -21.12 -11.88 -1.33
CA ASP A 475 -22.08 -12.25 -2.36
C ASP A 475 -21.88 -13.66 -2.93
N PHE A 476 -20.79 -14.34 -2.59
CA PHE A 476 -20.55 -15.71 -3.02
C PHE A 476 -20.68 -16.67 -1.84
N ASN A 477 -21.03 -17.91 -2.13
CA ASN A 477 -20.97 -18.99 -1.15
C ASN A 477 -19.56 -19.59 -1.25
N ASP A 478 -18.66 -19.10 -0.40
CA ASP A 478 -17.26 -19.50 -0.44
C ASP A 478 -16.89 -20.56 0.60
N GLU A 479 -17.88 -21.19 1.24
CA GLU A 479 -17.59 -22.13 2.33
C GLU A 479 -16.57 -23.19 1.92
N ALA A 480 -16.70 -23.74 0.72
CA ALA A 480 -15.79 -24.80 0.28
C ALA A 480 -14.36 -24.30 0.08
N LEU A 481 -14.17 -22.99 -0.02
CA LEU A 481 -12.84 -22.41 -0.20
C LEU A 481 -12.13 -22.12 1.11
N PHE A 482 -12.87 -21.95 2.19
CA PHE A 482 -12.30 -21.49 3.47
C PHE A 482 -11.91 -22.67 4.35
N SER A 483 -11.00 -23.49 3.81
CA SER A 483 -10.46 -24.60 4.54
C SER A 483 -8.98 -24.38 4.83
N PRO A 484 -8.50 -24.83 6.00
CA PRO A 484 -7.08 -24.66 6.33
C PRO A 484 -6.13 -25.22 5.29
N TYR A 485 -6.43 -26.39 4.73
CA TYR A 485 -5.47 -27.16 3.93
C TYR A 485 -5.37 -26.68 2.48
N ILE A 486 -5.89 -25.50 2.16
CA ILE A 486 -5.73 -24.87 0.85
C ILE A 486 -5.80 -23.36 1.05
N ALA A 487 -4.93 -22.64 0.34
CA ALA A 487 -4.99 -21.19 0.28
C ALA A 487 -4.85 -20.66 -1.13
N ASN A 488 -4.59 -21.51 -2.13
CA ASN A 488 -4.45 -21.06 -3.51
C ASN A 488 -5.73 -20.46 -4.03
N MET A 489 -6.88 -20.96 -3.58
CA MET A 489 -8.14 -20.39 -4.03
C MET A 489 -8.41 -19.06 -3.37
N VAL A 490 -7.95 -18.87 -2.13
CA VAL A 490 -8.15 -17.60 -1.45
C VAL A 490 -7.23 -16.49 -1.97
N VAL A 491 -6.10 -16.84 -2.60
CA VAL A 491 -5.27 -15.85 -3.29
C VAL A 491 -5.60 -15.80 -4.77
N GLY A 492 -6.66 -16.48 -5.20
CA GLY A 492 -7.09 -16.45 -6.58
C GLY A 492 -6.16 -17.14 -7.56
N ASP A 493 -5.40 -18.14 -7.10
CA ASP A 493 -4.48 -18.85 -7.98
C ASP A 493 -5.26 -19.94 -8.68
N TYR A 494 -5.55 -19.72 -9.97
CA TYR A 494 -6.29 -20.67 -10.79
C TYR A 494 -5.39 -21.46 -11.73
N SER A 495 -4.06 -21.34 -11.59
CA SER A 495 -3.13 -22.03 -12.47
C SER A 495 -3.33 -23.55 -12.47
N LYS A 496 -3.91 -24.10 -11.41
CA LYS A 496 -4.20 -25.53 -11.32
C LYS A 496 -5.60 -25.89 -11.82
N CYS A 497 -6.41 -24.90 -12.22
CA CYS A 497 -7.78 -25.15 -12.64
C CYS A 497 -7.84 -25.38 -14.14
N ASP A 498 -8.60 -26.40 -14.53
CA ASP A 498 -8.69 -26.81 -15.94
C ASP A 498 -9.70 -25.91 -16.64
N LEU A 499 -9.34 -24.63 -16.75
CA LEU A 499 -10.18 -23.65 -17.42
C LEU A 499 -9.52 -23.03 -18.66
N GLN A 500 -8.25 -23.30 -18.92
CA GLN A 500 -7.54 -22.82 -20.11
C GLN A 500 -7.81 -21.33 -20.40
N ASP A 501 -8.37 -21.05 -21.56
CA ASP A 501 -8.78 -19.71 -21.98
C ASP A 501 -10.18 -19.36 -21.50
N ALA A 502 -10.87 -20.30 -20.85
CA ALA A 502 -12.25 -20.11 -20.45
C ALA A 502 -12.37 -19.47 -19.07
N VAL A 503 -11.26 -19.02 -18.50
CA VAL A 503 -11.29 -18.34 -17.21
C VAL A 503 -12.09 -17.04 -17.30
N ASP A 504 -11.89 -16.27 -18.36
CA ASP A 504 -12.48 -14.94 -18.43
C ASP A 504 -14.00 -14.99 -18.51
N GLU A 505 -14.53 -15.83 -19.40
CA GLU A 505 -15.98 -15.99 -19.50
C GLU A 505 -16.57 -16.57 -18.23
N TYR A 506 -15.88 -17.55 -17.63
CA TYR A 506 -16.34 -18.12 -16.36
C TYR A 506 -16.44 -17.05 -15.28
N VAL A 507 -15.39 -16.25 -15.14
CA VAL A 507 -15.39 -15.17 -14.15
C VAL A 507 -16.50 -14.19 -14.45
N GLU A 508 -16.66 -13.80 -15.73
CA GLU A 508 -17.69 -12.84 -16.07
C GLU A 508 -19.08 -13.37 -15.71
N ARG A 509 -19.35 -14.62 -16.08
CA ARG A 509 -20.63 -15.26 -15.75
C ARG A 509 -20.85 -15.30 -14.24
N LYS A 510 -19.84 -15.73 -13.48
CA LYS A 510 -20.00 -15.86 -12.04
C LYS A 510 -20.19 -14.50 -11.37
N ARG A 511 -19.42 -13.50 -11.80
CA ARG A 511 -19.61 -12.14 -11.30
C ARG A 511 -21.02 -11.65 -11.61
N THR A 512 -21.50 -11.91 -12.82
CA THR A 512 -22.85 -11.50 -13.19
C THR A 512 -23.88 -12.13 -12.25
N ASP A 513 -23.76 -13.44 -12.03
CA ASP A 513 -24.69 -14.14 -11.15
C ASP A 513 -24.68 -13.53 -9.75
N ALA A 514 -23.49 -13.26 -9.21
CA ALA A 514 -23.40 -12.69 -7.88
C ALA A 514 -24.06 -11.32 -7.82
N VAL A 515 -23.80 -10.48 -8.84
CA VAL A 515 -24.37 -9.13 -8.84
C VAL A 515 -25.88 -9.18 -8.99
N VAL A 516 -26.40 -10.13 -9.76
CA VAL A 516 -27.85 -10.24 -9.92
C VAL A 516 -28.49 -10.60 -8.59
N VAL A 517 -27.94 -11.62 -7.92
CA VAL A 517 -28.53 -12.06 -6.66
C VAL A 517 -28.48 -10.93 -5.63
N LEU A 518 -27.29 -10.32 -5.44
CA LEU A 518 -27.16 -9.32 -4.39
C LEU A 518 -27.95 -8.05 -4.70
N GLY A 519 -27.99 -7.65 -5.98
CA GLY A 519 -28.82 -6.52 -6.37
C GLY A 519 -30.28 -6.77 -6.08
N LYS A 520 -30.79 -7.95 -6.44
CA LYS A 520 -32.17 -8.29 -6.10
C LYS A 520 -32.39 -8.20 -4.59
N LYS A 521 -31.46 -8.73 -3.80
CA LYS A 521 -31.62 -8.66 -2.34
C LYS A 521 -31.68 -7.22 -1.86
N ILE A 522 -30.82 -6.35 -2.40
CA ILE A 522 -30.81 -4.94 -2.02
C ILE A 522 -32.11 -4.25 -2.43
N LEU A 523 -32.59 -4.53 -3.65
CA LEU A 523 -33.78 -3.86 -4.16
C LEU A 523 -35.04 -4.34 -3.44
N SER A 524 -35.08 -5.61 -3.06
CA SER A 524 -36.28 -6.16 -2.42
C SER A 524 -36.54 -5.45 -1.10
N GLY A 525 -35.50 -5.15 -0.34
CA GLY A 525 -35.62 -4.32 0.83
C GLY A 525 -35.85 -2.85 0.47
#